data_7M52
#
_entry.id   7M52
#
_cell.length_a   93.590
_cell.length_b   60.600
_cell.length_c   79.765
_cell.angle_alpha   90.000
_cell.angle_beta   93.800
_cell.angle_gamma   90.000
#
_symmetry.space_group_name_H-M   'C 1 2 1'
#
loop_
_entity.id
_entity.type
_entity.pdbx_description
1 polymer 'Spike glycoprotein stem helix peptide'
2 polymer 'B6 antigen-binding (Fab) fragment heavy chain'
3 polymer 'B6 antigen-binding (Fab) fragment light chain'
4 non-polymer GLYCEROL
5 water water
#
loop_
_entity_poly.entity_id
_entity_poly.type
_entity_poly.pdbx_seq_one_letter_code
_entity_poly.pdbx_strand_id
1 'polypeptide(L)' DFKDELEEFFKNVTS A
2 'polypeptide(L)'
;EVQLQQSGPVLVKPGASVRMSCKASGYTITDYYLNWVKQSHGKSLEWLGVLNPYSGGSLYSQTFKGKATLTVDRSSSTAY
LELNSLTSEDSAVYYCARQLGRGNGLDYWGQGTSVTVSSVSTKGPSVFPLAPSSKSTSGGTAALGCLVKDYFPEPVTVSW
NSGALTSGVHTFPAVLQSSGLYSLSSVVTVPSSSLGTQTYICNVNHKPSNTKVDKRVEPK
;
H
3 'polypeptide(L)'
;NIMMTQSPSSLAVSAGEKVTMSCKSSQSVLHSSDQKNYLAWYQQKPGQSPKLLIYWASTRESGVPDRFTGSGSGTDFTLT
ISSVQAEDLAVYFCHQYLSSYTFGGGTKLEIKRTVAAPSVFIFPPSDEQLKSGTASVVCLLNNFYPREAKVQWKVDNALQ
SGNSQESVTEQDSKDSTYSLSSTLTLSKADYEKHKVYACEVTHQGLSSPVTKSFNRGEC
;
L
#
# COMPACT_ATOMS: atom_id res chain seq x y z
N ASP A 1 24.34 27.63 -8.13
CA ASP A 1 23.52 27.00 -7.11
C ASP A 1 23.23 25.55 -7.49
N PHE A 2 22.17 24.99 -6.90
CA PHE A 2 21.97 23.54 -7.03
C PHE A 2 21.73 23.16 -8.48
N LYS A 3 21.00 23.99 -9.22
CA LYS A 3 20.82 23.71 -10.64
C LYS A 3 22.16 23.58 -11.34
N ASP A 4 23.12 24.44 -10.98
CA ASP A 4 24.45 24.33 -11.56
C ASP A 4 25.14 23.04 -11.15
N GLU A 5 24.95 22.61 -9.88
CA GLU A 5 25.53 21.36 -9.40
C GLU A 5 25.00 20.18 -10.20
N LEU A 6 23.70 20.19 -10.52
CA LEU A 6 23.09 19.09 -11.27
C LEU A 6 23.64 19.07 -12.69
N GLU A 7 23.85 20.25 -13.27
CA GLU A 7 24.38 20.31 -14.63
C GLU A 7 25.76 19.66 -14.69
N GLU A 8 26.65 20.04 -13.78
CA GLU A 8 27.99 19.48 -13.72
C GLU A 8 27.97 17.99 -13.36
N PHE A 9 27.02 17.53 -12.53
CA PHE A 9 27.03 16.13 -12.14
C PHE A 9 26.67 15.23 -13.31
N PHE A 10 25.75 15.68 -14.17
CA PHE A 10 25.21 14.91 -15.28
C PHE A 10 26.01 15.03 -16.56
N LYS A 11 27.09 15.78 -16.52
CA LYS A 11 27.95 16.07 -17.68
C LYS A 11 28.63 14.82 -18.26
N GLU B 1 13.63 -8.38 -18.62
CA GLU B 1 13.02 -7.07 -18.35
C GLU B 1 13.77 -6.35 -17.23
N VAL B 2 13.65 -5.02 -17.19
CA VAL B 2 14.34 -4.22 -16.18
C VAL B 2 13.78 -4.49 -14.79
N GLN B 3 14.68 -4.60 -13.81
CA GLN B 3 14.24 -4.78 -12.43
C GLN B 3 15.18 -4.01 -11.51
N LEU B 4 14.60 -3.45 -10.43
CA LEU B 4 15.36 -2.85 -9.34
C LEU B 4 14.86 -3.52 -8.07
N GLN B 5 15.64 -4.43 -7.51
CA GLN B 5 15.23 -5.30 -6.39
C GLN B 5 15.83 -4.73 -5.12
N GLN B 6 15.00 -4.20 -4.23
CA GLN B 6 15.51 -3.57 -3.02
C GLN B 6 15.42 -4.55 -1.85
N SER B 7 16.28 -4.33 -0.85
CA SER B 7 16.31 -5.22 0.29
C SER B 7 15.08 -5.03 1.17
N GLY B 8 14.93 -5.94 2.12
CA GLY B 8 13.66 -6.02 2.80
C GLY B 8 13.53 -5.05 3.95
N PRO B 9 12.37 -5.11 4.60
CA PRO B 9 12.07 -4.11 5.61
C PRO B 9 12.91 -4.34 6.86
N VAL B 10 13.13 -3.26 7.60
CA VAL B 10 13.99 -3.31 8.77
C VAL B 10 13.40 -2.46 9.87
N LEU B 11 13.72 -2.85 11.09
CA LEU B 11 13.47 -2.11 12.32
C LEU B 11 14.82 -1.71 12.88
N VAL B 12 14.98 -0.41 13.20
CA VAL B 12 16.23 0.04 13.81
CA VAL B 12 16.24 0.13 13.73
C VAL B 12 15.92 1.04 14.91
N LYS B 13 16.85 1.14 15.87
CA LYS B 13 16.61 1.98 17.02
C LYS B 13 17.02 3.41 16.71
N PRO B 14 16.45 4.38 17.41
CA PRO B 14 16.95 5.76 17.28
C PRO B 14 18.44 5.85 17.55
N GLY B 15 19.12 6.65 16.72
CA GLY B 15 20.55 6.87 16.85
C GLY B 15 21.40 5.90 16.03
N ALA B 16 20.80 4.80 15.56
CA ALA B 16 21.57 3.80 14.85
C ALA B 16 21.68 4.22 13.39
N SER B 17 22.42 3.43 12.61
CA SER B 17 22.52 3.59 11.16
CA SER B 17 22.51 3.60 11.17
C SER B 17 21.87 2.40 10.46
N VAL B 18 21.55 2.57 9.20
CA VAL B 18 21.02 1.45 8.43
C VAL B 18 21.55 1.54 7.02
N ARG B 19 21.87 0.40 6.42
CA ARG B 19 22.21 0.33 5.00
C ARG B 19 21.25 -0.59 4.27
N MET B 20 20.76 -0.14 3.11
CA MET B 20 19.83 -0.93 2.29
C MET B 20 20.37 -0.96 0.87
N SER B 21 19.90 -1.93 0.08
CA SER B 21 20.49 -2.24 -1.23
C SER B 21 19.41 -2.21 -2.30
N CYS B 22 19.87 -2.05 -3.53
CA CYS B 22 19.02 -1.88 -4.71
C CYS B 22 19.77 -2.55 -5.85
N LYS B 23 19.31 -3.73 -6.30
CA LYS B 23 20.07 -4.56 -7.25
C LYS B 23 19.40 -4.40 -8.60
N ALA B 24 20.16 -3.98 -9.60
CA ALA B 24 19.65 -3.79 -10.94
C ALA B 24 19.84 -5.07 -11.73
N SER B 25 18.80 -5.48 -12.44
CA SER B 25 18.95 -6.55 -13.41
C SER B 25 18.14 -6.20 -14.66
N GLY B 26 18.41 -6.95 -15.72
CA GLY B 26 17.76 -6.67 -16.98
C GLY B 26 18.35 -5.50 -17.73
N TYR B 27 19.38 -4.86 -17.19
CA TYR B 27 20.07 -3.76 -17.87
C TYR B 27 21.42 -3.56 -17.20
N THR B 28 22.26 -2.73 -17.83
CA THR B 28 23.62 -2.48 -17.35
C THR B 28 23.58 -1.31 -16.35
N ILE B 29 23.89 -1.59 -15.08
CA ILE B 29 23.68 -0.62 -14.02
C ILE B 29 24.39 0.72 -14.29
N THR B 30 25.55 0.70 -14.93
CA THR B 30 26.28 1.93 -15.19
C THR B 30 25.68 2.78 -16.29
N ASP B 31 24.61 2.33 -16.96
CA ASP B 31 24.03 3.08 -18.07
C ASP B 31 23.02 4.13 -17.64
N TYR B 32 22.62 4.13 -16.35
CA TYR B 32 21.56 4.99 -15.78
C TYR B 32 22.04 5.57 -14.46
N TYR B 33 21.69 6.81 -14.17
CA TYR B 33 21.89 7.27 -12.80
C TYR B 33 20.87 6.60 -11.89
N LEU B 34 21.15 6.64 -10.59
CA LEU B 34 20.24 6.05 -9.62
C LEU B 34 19.91 7.06 -8.54
N ASN B 35 18.61 7.37 -8.40
CA ASN B 35 18.11 8.29 -7.39
C ASN B 35 17.55 7.53 -6.18
N TRP B 36 17.53 8.20 -5.03
CA TRP B 36 16.84 7.65 -3.87
C TRP B 36 15.82 8.67 -3.40
N VAL B 37 14.60 8.21 -3.12
CA VAL B 37 13.46 9.06 -2.82
C VAL B 37 12.72 8.45 -1.64
N LYS B 38 12.40 9.27 -0.62
CA LYS B 38 11.70 8.86 0.61
C LYS B 38 10.20 9.07 0.42
N GLN B 39 9.39 8.10 0.88
CA GLN B 39 7.95 8.26 0.90
C GLN B 39 7.48 8.02 2.32
N SER B 40 7.20 9.11 3.05
N SER B 40 6.79 9.00 2.85
CA SER B 40 6.86 9.04 4.46
CA SER B 40 6.19 8.95 4.17
C SER B 40 5.43 8.56 4.66
C SER B 40 4.68 8.76 4.06
N HIS B 41 4.57 8.92 3.73
N HIS B 41 4.14 7.89 4.91
CA HIS B 41 3.19 8.44 3.64
CA HIS B 41 2.71 7.61 5.04
C HIS B 41 2.76 8.61 2.19
C HIS B 41 2.03 7.39 3.68
N GLY B 42 1.52 8.18 1.89
N GLY B 42 2.73 6.66 2.80
CA GLY B 42 1.03 8.04 0.53
CA GLY B 42 2.24 6.24 1.51
C GLY B 42 1.01 9.32 -0.27
C GLY B 42 1.97 7.34 0.50
N LYS B 43 0.96 10.46 0.39
N LYS B 43 2.52 8.56 0.68
CA LYS B 43 0.93 11.74 -0.31
CA LYS B 43 2.10 9.70 -0.14
C LYS B 43 2.23 12.51 -0.12
C LYS B 43 3.23 10.65 -0.53
N SER B 44 3.35 11.80 0.16
CA SER B 44 4.60 12.56 0.25
C SER B 44 5.82 11.87 -0.34
N LEU B 45 6.53 12.55 -1.23
CA LEU B 45 7.80 12.11 -1.78
C LEU B 45 8.86 13.17 -1.52
N GLU B 46 10.06 12.73 -1.12
CA GLU B 46 11.17 13.64 -0.86
C GLU B 46 12.49 13.07 -1.41
N TRP B 47 13.22 13.84 -2.24
CA TRP B 47 14.43 13.35 -2.86
C TRP B 47 15.58 13.40 -1.89
N LEU B 48 16.39 12.34 -1.88
CA LEU B 48 17.61 12.33 -1.08
C LEU B 48 18.85 12.75 -1.87
N GLY B 49 18.95 12.28 -3.10
CA GLY B 49 20.15 12.49 -3.89
C GLY B 49 20.25 11.48 -5.01
N VAL B 50 21.35 11.56 -5.77
CA VAL B 50 21.54 10.73 -6.95
C VAL B 50 22.98 10.21 -7.05
N LEU B 51 23.11 8.94 -7.44
CA LEU B 51 24.37 8.23 -7.60
C LEU B 51 24.64 8.07 -9.09
N ASN B 52 25.91 8.23 -9.48
CA ASN B 52 26.39 7.85 -10.79
C ASN B 52 27.04 6.49 -10.63
N PRO B 53 26.40 5.38 -11.05
CA PRO B 53 26.98 4.07 -10.73
C PRO B 53 28.26 3.80 -11.50
N TYR B 54 28.42 4.46 -12.65
CA TYR B 54 29.67 4.32 -13.39
C TYR B 54 30.85 4.86 -12.60
N SER B 55 30.77 6.12 -12.17
CA SER B 55 31.90 6.72 -11.48
C SER B 55 31.91 6.41 -9.98
N GLY B 56 30.73 6.20 -9.38
CA GLY B 56 30.65 6.11 -7.95
C GLY B 56 30.37 7.42 -7.23
N GLY B 57 30.38 8.55 -7.94
CA GLY B 57 30.11 9.81 -7.28
C GLY B 57 28.62 10.06 -7.08
N SER B 58 28.33 10.97 -6.16
CA SER B 58 26.93 11.23 -5.82
CA SER B 58 26.94 11.22 -5.74
C SER B 58 26.72 12.72 -5.58
N LEU B 59 25.48 13.16 -5.78
CA LEU B 59 25.04 14.51 -5.45
C LEU B 59 23.85 14.43 -4.50
N TYR B 60 23.96 15.09 -3.36
CA TYR B 60 22.96 14.96 -2.29
C TYR B 60 22.12 16.22 -2.16
N SER B 61 20.84 16.04 -1.90
CA SER B 61 20.03 17.16 -1.43
C SER B 61 20.68 17.74 -0.17
N GLN B 62 20.66 19.06 -0.07
CA GLN B 62 21.09 19.72 1.18
C GLN B 62 20.40 19.13 2.39
N THR B 63 19.15 18.70 2.23
CA THR B 63 18.39 18.13 3.35
C THR B 63 19.08 16.88 3.89
N PHE B 64 19.74 16.12 3.01
CA PHE B 64 20.28 14.82 3.40
C PHE B 64 21.80 14.77 3.39
N LYS B 65 22.48 15.87 3.02
CA LYS B 65 23.93 15.82 2.96
C LYS B 65 24.47 15.51 4.34
N GLY B 66 25.36 14.51 4.40
CA GLY B 66 25.88 14.03 5.67
C GLY B 66 24.95 13.11 6.44
N LYS B 67 23.67 13.06 6.08
CA LYS B 67 22.75 12.09 6.68
C LYS B 67 22.69 10.80 5.86
N ALA B 68 22.70 10.93 4.55
CA ALA B 68 22.64 9.82 3.63
C ALA B 68 24.01 9.61 3.00
N THR B 69 24.33 8.36 2.67
CA THR B 69 25.57 8.07 1.94
C THR B 69 25.24 7.07 0.84
N LEU B 70 25.54 7.42 -0.42
CA LEU B 70 25.28 6.56 -1.56
C LEU B 70 26.55 5.84 -1.98
N THR B 71 26.44 4.54 -2.22
CA THR B 71 27.56 3.78 -2.74
C THR B 71 27.07 2.76 -3.77
N VAL B 72 28.05 2.11 -4.42
CA VAL B 72 27.76 1.12 -5.47
C VAL B 72 28.78 -0.01 -5.45
N ASP B 73 28.29 -1.22 -5.75
CA ASP B 73 29.16 -2.36 -6.07
C ASP B 73 28.80 -2.81 -7.49
N ARG B 74 29.63 -2.42 -8.45
CA ARG B 74 29.34 -2.69 -9.85
C ARG B 74 29.43 -4.17 -10.17
N SER B 75 30.29 -4.91 -9.47
CA SER B 75 30.48 -6.32 -9.79
C SER B 75 29.23 -7.14 -9.52
N SER B 76 28.41 -6.72 -8.55
CA SER B 76 27.16 -7.39 -8.25
C SER B 76 25.95 -6.53 -8.63
N SER B 77 26.19 -5.47 -9.40
CA SER B 77 25.12 -4.64 -9.96
C SER B 77 24.22 -4.09 -8.86
N THR B 78 24.82 -3.63 -7.76
CA THR B 78 24.04 -3.29 -6.57
C THR B 78 24.44 -1.93 -6.01
N ALA B 79 23.45 -1.07 -5.78
CA ALA B 79 23.65 0.22 -5.13
C ALA B 79 23.15 0.17 -3.69
N TYR B 80 23.70 1.08 -2.87
CA TYR B 80 23.40 1.07 -1.45
C TYR B 80 23.10 2.49 -0.96
N LEU B 81 22.20 2.59 -0.01
CA LEU B 81 21.92 3.83 0.70
C LEU B 81 22.16 3.52 2.18
N GLU B 82 23.03 4.31 2.82
CA GLU B 82 23.22 4.24 4.26
C GLU B 82 22.68 5.53 4.85
N LEU B 83 21.96 5.44 5.96
CA LEU B 83 21.41 6.59 6.66
C LEU B 83 21.93 6.55 8.08
N ASN B 84 22.40 7.69 8.60
CA ASN B 84 22.95 7.70 9.95
C ASN B 84 22.07 8.50 10.89
N SER B 85 22.39 8.43 12.19
CA SER B 85 21.75 9.26 13.22
C SER B 85 20.23 9.19 13.13
N LEU B 86 19.69 7.97 13.09
CA LEU B 86 18.28 7.86 12.71
C LEU B 86 17.35 8.36 13.81
N THR B 87 16.27 9.04 13.38
CA THR B 87 15.17 9.45 14.25
C THR B 87 13.92 8.89 13.61
N SER B 88 12.92 9.07 14.47
N SER B 88 12.90 9.08 14.45
CA SER B 88 11.59 8.59 14.18
CA SER B 88 11.58 8.58 14.15
C SER B 88 11.01 9.38 13.02
C SER B 88 10.98 9.39 13.02
N GLU B 89 11.45 10.61 12.83
CA GLU B 89 11.11 11.20 11.53
C GLU B 89 11.79 10.53 10.31
N ASP B 90 12.70 9.59 10.48
CA ASP B 90 13.29 8.91 9.34
C ASP B 90 12.54 7.65 8.93
N SER B 91 11.49 7.24 9.68
CA SER B 91 10.70 6.09 9.27
C SER B 91 9.94 6.38 7.99
N ALA B 92 10.15 5.54 6.98
CA ALA B 92 9.58 5.82 5.67
C ALA B 92 9.88 4.63 4.78
N VAL B 93 9.29 4.65 3.59
CA VAL B 93 9.71 3.78 2.51
C VAL B 93 10.71 4.52 1.67
N TYR B 94 11.85 3.88 1.39
CA TYR B 94 12.90 4.48 0.57
C TYR B 94 12.99 3.74 -0.76
N TYR B 95 12.80 4.47 -1.84
CA TYR B 95 12.87 3.93 -3.20
C TYR B 95 14.16 4.25 -3.89
N CYS B 96 14.69 3.29 -4.65
CA CYS B 96 15.71 3.62 -5.64
CA CYS B 96 15.72 3.55 -5.64
C CYS B 96 15.00 3.79 -6.97
N ALA B 97 15.47 4.74 -7.79
CA ALA B 97 14.79 4.96 -9.08
C ALA B 97 15.75 5.46 -10.14
N ARG B 98 15.76 4.80 -11.29
CA ARG B 98 16.81 5.10 -12.26
C ARG B 98 16.40 6.26 -13.13
N GLN B 99 17.42 6.93 -13.65
CA GLN B 99 17.25 8.13 -14.45
C GLN B 99 18.35 8.10 -15.51
N LEU B 100 17.94 8.13 -16.79
CA LEU B 100 18.91 8.00 -17.88
C LEU B 100 19.89 9.17 -17.89
N GLY B 101 19.38 10.39 -17.82
CA GLY B 101 20.22 11.55 -17.94
C GLY B 101 19.54 12.76 -17.34
N ARG B 102 20.25 13.89 -17.40
CA ARG B 102 19.79 15.14 -16.79
C ARG B 102 18.33 15.44 -17.10
N GLY B 103 17.94 15.30 -18.35
CA GLY B 103 16.64 15.80 -18.70
C GLY B 103 15.55 14.77 -18.53
N ASN B 104 15.89 13.59 -18.06
CA ASN B 104 14.87 12.54 -18.01
C ASN B 104 14.13 12.51 -16.68
N GLY B 105 12.93 11.93 -16.73
CA GLY B 105 12.20 11.54 -15.56
C GLY B 105 12.79 10.28 -14.91
N LEU B 106 12.25 9.95 -13.76
CA LEU B 106 12.66 8.74 -13.01
C LEU B 106 11.84 7.58 -13.58
N ASP B 107 12.44 6.84 -14.54
CA ASP B 107 11.65 6.01 -15.42
C ASP B 107 11.36 4.63 -14.87
N TYR B 108 12.09 4.18 -13.85
CA TYR B 108 11.81 2.87 -13.25
C TYR B 108 12.17 2.96 -11.79
N TRP B 109 11.25 2.51 -10.94
CA TRP B 109 11.37 2.58 -9.49
C TRP B 109 11.41 1.19 -8.89
N GLY B 110 12.31 0.97 -7.93
CA GLY B 110 12.31 -0.28 -7.17
C GLY B 110 11.09 -0.34 -6.28
N GLN B 111 10.95 -1.48 -5.57
CA GLN B 111 9.69 -1.69 -4.86
C GLN B 111 9.70 -1.01 -3.50
N GLY B 112 10.82 -0.41 -3.13
CA GLY B 112 10.91 0.31 -1.85
C GLY B 112 11.34 -0.57 -0.72
N THR B 113 12.08 0.03 0.21
CA THR B 113 12.46 -0.62 1.46
C THR B 113 11.83 0.15 2.61
N SER B 114 11.03 -0.54 3.45
CA SER B 114 10.40 0.09 4.58
C SER B 114 11.38 0.10 5.75
N VAL B 115 11.67 1.29 6.27
CA VAL B 115 12.51 1.44 7.46
C VAL B 115 11.62 1.96 8.59
N THR B 116 11.55 1.24 9.72
CA THR B 116 10.87 1.78 10.91
C THR B 116 11.92 2.10 11.94
N VAL B 117 11.93 3.32 12.45
CA VAL B 117 12.84 3.70 13.52
C VAL B 117 12.04 3.76 14.80
N SER B 118 12.40 2.94 15.78
CA SER B 118 11.57 2.84 16.98
C SER B 118 12.38 2.21 18.08
N SER B 119 12.07 2.60 19.32
CA SER B 119 12.62 1.91 20.49
CA SER B 119 12.65 1.88 20.46
C SER B 119 11.92 0.57 20.76
N VAL B 120 10.73 0.36 20.19
CA VAL B 120 9.97 -0.89 20.40
C VAL B 120 10.65 -2.06 19.69
N SER B 121 10.75 -3.21 20.38
CA SER B 121 11.41 -4.37 19.84
C SER B 121 10.49 -5.07 18.85
N THR B 122 11.10 -5.83 17.94
N THR B 122 11.09 -5.81 17.93
CA THR B 122 10.32 -6.61 17.01
CA THR B 122 10.28 -6.55 16.99
C THR B 122 9.50 -7.66 17.72
C THR B 122 9.47 -7.61 17.73
N LYS B 123 8.31 -7.92 17.15
CA LYS B 123 7.49 -9.03 17.59
C LYS B 123 6.93 -9.74 16.39
N GLY B 124 7.06 -11.06 16.36
CA GLY B 124 6.52 -11.80 15.24
C GLY B 124 5.07 -12.18 15.45
N PRO B 125 4.29 -12.28 14.36
CA PRO B 125 2.85 -12.53 14.50
C PRO B 125 2.53 -13.98 14.75
N SER B 126 1.39 -14.19 15.38
CA SER B 126 0.74 -15.46 15.29
C SER B 126 -0.12 -15.49 14.05
N VAL B 127 -0.21 -16.64 13.40
CA VAL B 127 -1.03 -16.79 12.20
C VAL B 127 -2.11 -17.81 12.49
N PHE B 128 -3.38 -17.40 12.32
CA PHE B 128 -4.52 -18.24 12.66
C PHE B 128 -5.40 -18.36 11.44
N PRO B 129 -5.96 -19.52 11.18
CA PRO B 129 -6.86 -19.66 10.04
C PRO B 129 -8.17 -18.93 10.31
N LEU B 130 -8.78 -18.47 9.22
CA LEU B 130 -10.17 -18.00 9.15
C LEU B 130 -10.87 -19.03 8.29
N ALA B 131 -11.51 -19.98 8.96
CA ALA B 131 -11.89 -21.16 8.17
C ALA B 131 -13.27 -20.99 7.57
N PRO B 132 -13.42 -21.48 6.32
CA PRO B 132 -14.69 -21.32 5.62
C PRO B 132 -15.72 -22.20 6.28
N SER B 133 -16.93 -21.67 6.37
CA SER B 133 -17.99 -22.39 7.06
C SER B 133 -19.31 -22.07 6.40
N SER B 134 -20.39 -22.62 6.98
CA SER B 134 -21.71 -22.24 6.51
C SER B 134 -22.01 -20.76 6.74
N LYS B 135 -21.20 -20.05 7.51
CA LYS B 135 -21.48 -18.63 7.76
C LYS B 135 -20.46 -17.75 7.06
N SER B 136 -19.65 -18.35 6.18
CA SER B 136 -18.80 -17.60 5.30
C SER B 136 -19.04 -18.07 3.86
N THR B 137 -20.32 -18.28 3.49
CA THR B 137 -20.65 -18.63 2.11
C THR B 137 -21.71 -17.68 1.57
N SER B 138 -21.56 -17.31 0.32
CA SER B 138 -22.56 -16.49 -0.34
C SER B 138 -22.75 -17.11 -1.71
N GLY B 139 -23.91 -17.71 -1.96
CA GLY B 139 -24.33 -18.06 -3.28
C GLY B 139 -23.26 -18.81 -4.04
N GLY B 140 -22.82 -19.94 -3.45
CA GLY B 140 -21.88 -20.84 -4.05
C GLY B 140 -20.44 -20.45 -3.84
N THR B 141 -20.17 -19.40 -3.07
CA THR B 141 -18.81 -18.98 -2.81
C THR B 141 -18.55 -19.10 -1.32
N ALA B 142 -17.30 -19.34 -1.00
CA ALA B 142 -16.84 -19.42 0.36
C ALA B 142 -15.74 -18.42 0.55
N ALA B 143 -15.75 -17.74 1.67
CA ALA B 143 -14.63 -16.91 2.06
C ALA B 143 -13.75 -17.67 3.05
N LEU B 144 -12.44 -17.52 2.90
CA LEU B 144 -11.51 -18.09 3.85
C LEU B 144 -10.35 -17.11 4.05
N GLY B 145 -9.51 -17.30 5.06
CA GLY B 145 -8.48 -16.28 5.26
C GLY B 145 -7.47 -16.70 6.30
N CYS B 146 -6.63 -15.74 6.64
CA CYS B 146 -5.72 -15.89 7.76
CA CYS B 146 -5.78 -15.93 7.80
C CYS B 146 -5.70 -14.60 8.54
N LEU B 147 -5.63 -14.73 9.84
CA LEU B 147 -5.51 -13.60 10.77
C LEU B 147 -4.06 -13.60 11.24
N VAL B 148 -3.39 -12.49 11.02
CA VAL B 148 -1.96 -12.31 11.32
C VAL B 148 -1.92 -11.33 12.50
N LYS B 149 -1.77 -11.83 13.70
CA LYS B 149 -2.07 -11.07 14.91
C LYS B 149 -0.82 -10.79 15.71
N ASP B 150 -0.71 -9.56 16.19
CA ASP B 150 0.26 -9.14 17.22
C ASP B 150 1.70 -9.09 16.70
N TYR B 151 2.01 -8.19 15.78
CA TYR B 151 3.40 -8.10 15.29
C TYR B 151 3.87 -6.66 15.30
N PHE B 152 5.19 -6.52 15.18
CA PHE B 152 5.77 -5.19 15.07
C PHE B 152 7.13 -5.32 14.43
N PRO B 153 7.49 -4.41 13.51
CA PRO B 153 6.80 -3.27 12.93
C PRO B 153 6.03 -3.75 11.71
N GLU B 154 5.44 -2.85 10.94
CA GLU B 154 5.03 -3.17 9.62
C GLU B 154 6.25 -3.27 8.74
N PRO B 155 6.14 -4.00 7.61
CA PRO B 155 4.99 -4.70 7.08
C PRO B 155 5.04 -6.19 7.27
N VAL B 156 3.84 -6.83 7.25
CA VAL B 156 3.65 -8.26 6.98
C VAL B 156 3.29 -8.36 5.51
N THR B 157 3.83 -9.35 4.79
CA THR B 157 3.35 -9.66 3.44
C THR B 157 2.62 -11.00 3.48
N VAL B 158 1.55 -11.11 2.72
CA VAL B 158 0.79 -12.33 2.67
C VAL B 158 0.58 -12.70 1.22
N SER B 159 0.90 -13.95 0.89
CA SER B 159 0.46 -14.46 -0.40
C SER B 159 -0.38 -15.69 -0.14
N TRP B 160 -1.00 -16.18 -1.20
CA TRP B 160 -1.81 -17.40 -1.15
C TRP B 160 -1.25 -18.39 -2.15
N ASN B 161 -1.10 -19.64 -1.72
CA ASN B 161 -0.57 -20.73 -2.59
C ASN B 161 0.68 -20.29 -3.34
N SER B 162 1.59 -19.67 -2.59
CA SER B 162 2.87 -19.23 -3.12
C SER B 162 2.68 -18.33 -4.34
N GLY B 163 1.62 -17.53 -4.35
CA GLY B 163 1.40 -16.56 -5.41
C GLY B 163 0.58 -17.10 -6.56
N ALA B 164 0.18 -18.38 -6.52
CA ALA B 164 -0.69 -18.86 -7.58
C ALA B 164 -2.14 -18.45 -7.43
N LEU B 165 -2.53 -17.94 -6.26
CA LEU B 165 -3.91 -17.56 -6.03
C LEU B 165 -3.85 -16.08 -5.71
N THR B 166 -4.26 -15.25 -6.67
CA THR B 166 -4.36 -13.80 -6.45
C THR B 166 -5.76 -13.28 -6.67
N SER B 167 -6.55 -13.92 -7.50
CA SER B 167 -7.89 -13.38 -7.77
CA SER B 167 -7.87 -13.38 -7.77
CA SER B 167 -7.88 -13.37 -7.77
C SER B 167 -8.73 -13.47 -6.50
N GLY B 168 -9.46 -12.38 -6.21
CA GLY B 168 -10.38 -12.49 -5.08
C GLY B 168 -9.74 -12.31 -3.71
N VAL B 169 -8.46 -11.94 -3.65
CA VAL B 169 -7.74 -11.80 -2.39
C VAL B 169 -7.92 -10.38 -1.91
N HIS B 170 -8.15 -10.21 -0.59
CA HIS B 170 -8.10 -8.88 0.00
C HIS B 170 -7.22 -8.98 1.21
N THR B 171 -6.08 -8.29 1.20
CA THR B 171 -5.22 -8.24 2.35
C THR B 171 -5.39 -6.86 2.92
N PHE B 172 -5.93 -6.79 4.10
CA PHE B 172 -6.38 -5.53 4.65
C PHE B 172 -5.23 -4.72 5.24
N PRO B 173 -5.38 -3.40 5.28
CA PRO B 173 -4.44 -2.59 6.06
C PRO B 173 -4.41 -3.07 7.49
N ALA B 174 -3.22 -3.10 8.06
CA ALA B 174 -3.09 -3.47 9.47
C ALA B 174 -3.77 -2.44 10.36
N VAL B 175 -4.19 -2.91 11.55
CA VAL B 175 -4.70 -2.01 12.60
C VAL B 175 -3.67 -2.02 13.71
N LEU B 176 -3.58 -0.90 14.39
CA LEU B 176 -2.66 -0.75 15.52
C LEU B 176 -3.46 -1.02 16.78
N GLN B 177 -3.05 -2.04 17.53
CA GLN B 177 -3.78 -2.40 18.76
C GLN B 177 -3.32 -1.53 19.91
N SER B 178 -4.11 -1.53 21.00
CA SER B 178 -3.75 -0.65 22.11
CA SER B 178 -3.76 -0.67 22.12
C SER B 178 -2.38 -1.02 22.67
N SER B 179 -1.96 -2.28 22.49
CA SER B 179 -0.63 -2.75 22.88
C SER B 179 0.50 -2.13 22.08
N GLY B 180 0.22 -1.41 21.01
CA GLY B 180 1.29 -1.02 20.13
C GLY B 180 1.66 -2.07 19.10
N LEU B 181 0.99 -3.19 19.07
CA LEU B 181 1.23 -4.23 18.06
C LEU B 181 0.18 -4.18 16.97
N TYR B 182 0.58 -4.62 15.78
CA TYR B 182 -0.32 -4.64 14.67
C TYR B 182 -1.04 -5.95 14.49
N SER B 183 -2.17 -5.92 13.79
CA SER B 183 -2.81 -7.14 13.33
CA SER B 183 -2.84 -7.13 13.35
CA SER B 183 -2.79 -7.15 13.32
C SER B 183 -3.40 -6.86 11.96
N LEU B 184 -3.40 -7.90 11.13
CA LEU B 184 -4.11 -7.74 9.86
C LEU B 184 -4.78 -9.04 9.51
N SER B 185 -5.72 -8.96 8.58
CA SER B 185 -6.33 -10.15 8.00
CA SER B 185 -6.34 -10.14 8.00
C SER B 185 -6.14 -10.18 6.51
N SER B 186 -6.10 -11.41 5.94
CA SER B 186 -6.06 -11.59 4.49
C SER B 186 -7.10 -12.63 4.17
N VAL B 187 -7.98 -12.35 3.20
CA VAL B 187 -9.07 -13.28 2.90
C VAL B 187 -9.12 -13.50 1.39
N VAL B 188 -9.82 -14.56 1.01
CA VAL B 188 -10.05 -14.83 -0.40
CA VAL B 188 -9.98 -14.96 -0.39
C VAL B 188 -11.39 -15.51 -0.52
N THR B 189 -12.06 -15.24 -1.64
CA THR B 189 -13.32 -15.92 -1.92
CA THR B 189 -13.34 -15.88 -1.96
C THR B 189 -13.04 -16.95 -3.00
N VAL B 190 -13.54 -18.16 -2.77
CA VAL B 190 -13.30 -19.29 -3.68
C VAL B 190 -14.60 -20.06 -3.92
N PRO B 191 -14.62 -21.01 -4.84
CA PRO B 191 -15.85 -21.80 -5.05
C PRO B 191 -16.11 -22.66 -3.81
N SER B 192 -17.37 -22.70 -3.34
CA SER B 192 -17.65 -23.68 -2.29
CA SER B 192 -17.72 -23.68 -2.32
C SER B 192 -17.55 -25.10 -2.82
N SER B 193 -17.82 -25.31 -4.12
CA SER B 193 -17.88 -26.67 -4.64
C SER B 193 -16.57 -27.41 -4.60
N SER B 194 -15.45 -26.70 -4.58
CA SER B 194 -14.16 -27.37 -4.70
C SER B 194 -13.34 -27.27 -3.41
N LEU B 195 -14.00 -26.94 -2.28
CA LEU B 195 -13.26 -26.88 -1.03
C LEU B 195 -12.60 -28.19 -0.69
N GLY B 196 -13.13 -29.33 -1.18
CA GLY B 196 -12.52 -30.62 -0.89
C GLY B 196 -11.38 -31.05 -1.81
N THR B 197 -11.27 -30.40 -2.98
CA THR B 197 -10.21 -30.79 -3.88
C THR B 197 -9.10 -29.76 -3.95
N GLN B 198 -9.33 -28.49 -3.59
CA GLN B 198 -8.28 -27.48 -3.63
C GLN B 198 -7.65 -27.27 -2.27
N THR B 199 -6.41 -26.84 -2.28
CA THR B 199 -5.68 -26.59 -1.04
CA THR B 199 -5.69 -26.59 -1.04
C THR B 199 -5.35 -25.12 -0.98
N TYR B 200 -5.64 -24.48 0.15
CA TYR B 200 -5.44 -23.05 0.30
C TYR B 200 -4.49 -22.84 1.45
N ILE B 201 -3.36 -22.21 1.17
CA ILE B 201 -2.31 -21.98 2.16
C ILE B 201 -1.97 -20.50 2.10
N CYS B 202 -2.02 -19.84 3.24
CA CYS B 202 -1.57 -18.46 3.28
CA CYS B 202 -1.58 -18.45 3.31
C CYS B 202 -0.10 -18.43 3.70
N ASN B 203 0.70 -17.68 2.95
CA ASN B 203 2.13 -17.62 3.19
C ASN B 203 2.37 -16.25 3.81
N VAL B 204 2.75 -16.23 5.06
CA VAL B 204 2.94 -15.00 5.80
C VAL B 204 4.41 -14.77 6.05
N ASN B 205 4.90 -13.59 5.67
CA ASN B 205 6.28 -13.21 5.91
CA ASN B 205 6.28 -13.22 5.90
C ASN B 205 6.30 -11.95 6.76
N HIS B 206 7.10 -11.97 7.82
CA HIS B 206 7.34 -10.76 8.62
C HIS B 206 8.85 -10.72 8.80
N LYS B 207 9.55 -10.07 7.87
CA LYS B 207 11.01 -10.14 7.87
C LYS B 207 11.66 -9.66 9.16
N PRO B 208 11.24 -8.58 9.81
CA PRO B 208 11.97 -8.14 11.01
C PRO B 208 12.01 -9.17 12.13
N SER B 209 11.04 -10.10 12.17
CA SER B 209 11.02 -11.13 13.21
C SER B 209 11.42 -12.49 12.68
N ASN B 210 11.93 -12.56 11.44
CA ASN B 210 12.25 -13.82 10.79
C ASN B 210 11.06 -14.76 10.73
N THR B 211 9.83 -14.26 10.70
CA THR B 211 8.67 -15.12 10.61
C THR B 211 8.43 -15.48 9.18
N LYS B 212 8.29 -16.79 8.90
CA LYS B 212 7.88 -17.22 7.57
C LYS B 212 7.00 -18.42 7.87
N VAL B 213 5.69 -18.23 7.76
CA VAL B 213 4.72 -19.23 8.16
C VAL B 213 3.88 -19.57 6.96
N ASP B 214 3.64 -20.87 6.72
CA ASP B 214 2.61 -21.30 5.80
C ASP B 214 1.53 -21.94 6.63
N LYS B 215 0.31 -21.47 6.47
CA LYS B 215 -0.85 -22.00 7.19
C LYS B 215 -1.91 -22.56 6.23
N ARG B 216 -2.22 -23.83 6.35
CA ARG B 216 -3.29 -24.42 5.56
CA ARG B 216 -3.29 -24.44 5.58
C ARG B 216 -4.60 -23.99 6.17
N VAL B 217 -5.52 -23.56 5.32
CA VAL B 217 -6.83 -23.13 5.79
C VAL B 217 -7.85 -24.10 5.22
N GLU B 218 -8.50 -24.86 6.08
CA GLU B 218 -9.50 -25.84 5.65
CA GLU B 218 -9.49 -25.88 5.69
C GLU B 218 -10.83 -25.59 6.33
N PRO B 219 -11.94 -26.09 5.73
CA PRO B 219 -13.26 -25.97 6.36
C PRO B 219 -13.22 -26.47 7.79
N LYS B 220 -13.99 -25.78 8.64
CA LYS B 220 -14.17 -25.96 10.10
C LYS B 220 -13.32 -25.01 10.95
N ASN C 1 14.28 26.06 -2.20
CA ASN C 1 13.86 25.05 -3.17
C ASN C 1 12.68 25.55 -4.00
N ILE C 2 12.43 24.88 -5.12
CA ILE C 2 11.22 25.10 -5.89
C ILE C 2 10.08 24.30 -5.27
N MET C 3 9.03 24.98 -4.84
CA MET C 3 7.87 24.31 -4.23
C MET C 3 6.82 23.94 -5.25
N MET C 4 6.34 22.70 -5.19
CA MET C 4 5.33 22.21 -6.11
C MET C 4 4.04 22.06 -5.35
N THR C 5 2.94 22.58 -5.91
CA THR C 5 1.61 22.51 -5.29
CA THR C 5 1.64 22.43 -5.27
C THR C 5 0.63 21.89 -6.27
N GLN C 6 -0.05 20.84 -5.86
CA GLN C 6 -1.05 20.15 -6.68
C GLN C 6 -2.44 20.42 -6.17
N SER C 7 -3.37 20.43 -7.09
CA SER C 7 -4.78 20.62 -6.77
CA SER C 7 -4.78 20.67 -6.79
C SER C 7 -5.60 19.94 -7.84
N PRO C 8 -6.76 19.39 -7.49
CA PRO C 8 -7.21 19.25 -6.10
C PRO C 8 -6.49 18.12 -5.40
N SER C 9 -6.70 18.05 -4.09
CA SER C 9 -6.07 17.00 -3.30
CA SER C 9 -6.01 17.00 -3.36
C SER C 9 -6.59 15.64 -3.68
N SER C 10 -7.87 15.57 -4.05
CA SER C 10 -8.48 14.34 -4.50
CA SER C 10 -8.48 14.34 -4.50
C SER C 10 -9.66 14.68 -5.38
N LEU C 11 -10.00 13.76 -6.25
CA LEU C 11 -11.28 13.88 -6.93
C LEU C 11 -11.78 12.50 -7.30
N ALA C 12 -13.06 12.44 -7.57
CA ALA C 12 -13.72 11.17 -7.84
C ALA C 12 -14.53 11.33 -9.10
N VAL C 13 -14.37 10.41 -10.04
CA VAL C 13 -15.17 10.45 -11.27
C VAL C 13 -15.61 9.03 -11.61
N SER C 14 -16.61 8.96 -12.47
CA SER C 14 -17.04 7.70 -13.05
C SER C 14 -16.14 7.36 -14.22
N ALA C 15 -16.02 6.07 -14.48
CA ALA C 15 -15.27 5.64 -15.64
C ALA C 15 -15.82 6.31 -16.89
N GLY C 16 -14.90 6.76 -17.76
CA GLY C 16 -15.23 7.41 -19.01
C GLY C 16 -15.25 8.91 -18.96
N GLU C 17 -15.17 9.51 -17.77
CA GLU C 17 -15.13 10.96 -17.67
C GLU C 17 -13.70 11.47 -17.90
N LYS C 18 -13.62 12.76 -18.18
CA LYS C 18 -12.34 13.45 -18.34
C LYS C 18 -12.00 14.09 -17.00
N VAL C 19 -10.73 13.98 -16.61
CA VAL C 19 -10.31 14.74 -15.45
CA VAL C 19 -10.19 14.57 -15.39
C VAL C 19 -9.09 15.56 -15.78
N THR C 20 -8.99 16.68 -15.09
N THR C 20 -8.97 16.66 -15.05
CA THR C 20 -7.84 17.56 -15.14
CA THR C 20 -7.83 17.56 -15.18
C THR C 20 -7.29 17.68 -13.74
C THR C 20 -7.28 17.94 -13.80
N MET C 21 -5.98 17.77 -13.60
CA MET C 21 -5.42 18.13 -12.31
C MET C 21 -4.25 19.07 -12.54
N SER C 22 -4.02 19.94 -11.56
CA SER C 22 -3.11 21.08 -11.65
CA SER C 22 -3.07 21.03 -11.73
C SER C 22 -1.84 20.83 -10.85
N CYS C 23 -0.71 21.33 -11.35
CA CYS C 23 0.56 21.33 -10.66
C CYS C 23 1.18 22.69 -10.88
N LYS C 24 1.43 23.42 -9.80
CA LYS C 24 2.05 24.74 -9.91
C LYS C 24 3.41 24.79 -9.23
N SER C 25 4.39 25.36 -9.90
CA SER C 25 5.71 25.53 -9.33
C SER C 25 5.87 26.95 -8.82
N SER C 26 6.62 27.09 -7.73
CA SER C 26 6.82 28.42 -7.16
C SER C 26 7.75 29.28 -8.00
N GLN C 27 8.46 28.70 -8.95
CA GLN C 27 9.27 29.46 -9.87
C GLN C 27 9.38 28.62 -11.13
N SER C 28 9.98 29.20 -12.15
CA SER C 28 10.11 28.52 -13.43
C SER C 28 10.93 27.23 -13.29
N VAL C 29 10.51 26.22 -14.04
CA VAL C 29 11.24 24.97 -14.19
C VAL C 29 11.78 24.82 -15.61
N LEU C 30 11.89 25.95 -16.33
CA LEU C 30 12.41 25.96 -17.68
C LEU C 30 13.93 25.76 -17.69
N HIS C 31 14.40 24.66 -18.30
CA HIS C 31 15.83 24.39 -18.41
C HIS C 31 16.36 25.11 -19.66
N SER C 32 17.30 26.03 -19.48
CA SER C 32 17.64 26.98 -20.56
C SER C 32 18.38 26.32 -21.70
N SER C 33 19.25 25.35 -21.40
CA SER C 33 20.15 24.86 -22.46
C SER C 33 19.40 24.05 -23.50
N ASP C 34 18.25 23.46 -23.15
CA ASP C 34 17.43 22.81 -24.15
C ASP C 34 16.01 23.36 -24.23
N GLN C 35 15.69 24.40 -23.46
CA GLN C 35 14.36 25.03 -23.49
C GLN C 35 13.23 24.03 -23.20
N LYS C 36 13.53 23.09 -22.30
CA LYS C 36 12.57 22.10 -21.80
C LYS C 36 12.16 22.45 -20.38
N ASN C 37 10.86 22.28 -20.08
CA ASN C 37 10.36 22.36 -18.71
C ASN C 37 10.64 21.03 -18.05
N TYR C 38 11.51 21.04 -17.04
CA TYR C 38 11.93 19.82 -16.37
C TYR C 38 10.85 19.47 -15.35
N LEU C 39 9.74 18.94 -15.86
CA LEU C 39 8.54 18.67 -15.09
C LEU C 39 8.07 17.27 -15.49
N ALA C 40 7.87 16.40 -14.51
CA ALA C 40 7.49 15.02 -14.79
C ALA C 40 6.24 14.72 -14.01
N TRP C 41 5.43 13.80 -14.53
CA TRP C 41 4.28 13.30 -13.79
C TRP C 41 4.45 11.81 -13.55
N TYR C 42 3.97 11.34 -12.39
CA TYR C 42 4.05 9.94 -12.02
C TYR C 42 2.67 9.49 -11.58
N GLN C 43 2.42 8.22 -11.80
CA GLN C 43 1.20 7.57 -11.30
C GLN C 43 1.62 6.53 -10.26
N GLN C 44 1.03 6.57 -9.08
CA GLN C 44 1.32 5.56 -8.07
C GLN C 44 0.01 4.88 -7.70
N LYS C 45 -0.15 3.67 -8.19
CA LYS C 45 -1.30 2.85 -7.81
C LYS C 45 -1.13 2.26 -6.42
N PRO C 46 -2.22 1.96 -5.73
CA PRO C 46 -2.10 1.38 -4.39
C PRO C 46 -1.15 0.22 -4.29
N GLY C 47 -0.23 0.30 -3.33
CA GLY C 47 0.72 -0.75 -3.02
C GLY C 47 1.77 -0.93 -4.09
N GLN C 48 1.85 -0.01 -5.01
CA GLN C 48 2.83 -0.12 -6.07
C GLN C 48 3.84 1.00 -5.94
N SER C 49 4.92 0.89 -6.73
CA SER C 49 5.87 1.99 -6.83
CA SER C 49 5.87 1.99 -6.82
C SER C 49 5.41 3.00 -7.88
N PRO C 50 5.85 4.25 -7.81
CA PRO C 50 5.47 5.21 -8.85
C PRO C 50 5.93 4.74 -10.21
N LYS C 51 5.13 5.13 -11.21
CA LYS C 51 5.41 4.91 -12.63
C LYS C 51 5.49 6.26 -13.34
N LEU C 52 6.52 6.42 -14.17
CA LEU C 52 6.69 7.66 -14.92
C LEU C 52 5.66 7.75 -16.04
N LEU C 53 4.88 8.83 -16.07
CA LEU C 53 3.93 9.05 -17.17
C LEU C 53 4.44 10.03 -18.22
N ILE C 54 4.97 11.16 -17.77
CA ILE C 54 5.23 12.33 -18.61
C ILE C 54 6.55 12.93 -18.16
N TYR C 55 7.38 13.36 -19.12
CA TYR C 55 8.53 14.19 -18.74
C TYR C 55 8.61 15.37 -19.70
N TRP C 56 9.47 16.35 -19.41
CA TRP C 56 9.53 17.60 -20.22
C TRP C 56 8.15 18.27 -20.25
N ALA C 57 7.36 18.06 -19.20
CA ALA C 57 5.98 18.55 -19.08
C ALA C 57 4.95 17.95 -20.02
N SER C 58 5.33 17.58 -21.24
CA SER C 58 4.32 17.16 -22.18
C SER C 58 4.73 15.96 -23.02
N THR C 59 5.88 15.36 -22.78
CA THR C 59 6.29 14.19 -23.54
C THR C 59 5.83 12.93 -22.81
N ARG C 60 5.07 12.08 -23.49
CA ARG C 60 4.60 10.86 -22.83
C ARG C 60 5.73 9.83 -22.87
N GLU C 61 5.94 9.19 -21.73
CA GLU C 61 6.87 8.07 -21.66
C GLU C 61 6.37 6.91 -22.53
N SER C 62 7.33 6.12 -23.02
CA SER C 62 6.97 4.94 -23.81
C SER C 62 6.05 4.00 -23.03
N GLY C 63 5.04 3.47 -23.72
CA GLY C 63 4.10 2.57 -23.09
C GLY C 63 2.95 3.23 -22.37
N VAL C 64 3.02 4.52 -22.10
CA VAL C 64 1.93 5.23 -21.43
C VAL C 64 0.76 5.38 -22.39
N PRO C 65 -0.45 5.00 -21.99
CA PRO C 65 -1.61 5.17 -22.87
C PRO C 65 -1.77 6.61 -23.33
N ASP C 66 -2.36 6.76 -24.50
CA ASP C 66 -2.59 8.08 -25.10
C ASP C 66 -3.53 8.98 -24.27
N ARG C 67 -4.36 8.39 -23.41
CA ARG C 67 -5.35 9.17 -22.66
C ARG C 67 -4.72 10.10 -21.62
N PHE C 68 -3.45 9.87 -21.27
CA PHE C 68 -2.70 10.76 -20.37
C PHE C 68 -1.96 11.82 -21.15
N THR C 69 -2.24 13.09 -20.88
CA THR C 69 -1.58 14.19 -21.59
CA THR C 69 -1.56 14.17 -21.59
C THR C 69 -1.14 15.25 -20.62
N GLY C 70 0.11 15.67 -20.74
CA GLY C 70 0.68 16.70 -19.89
C GLY C 70 0.75 17.98 -20.72
N SER C 71 0.46 19.09 -20.06
CA SER C 71 0.51 20.37 -20.73
C SER C 71 0.95 21.43 -19.74
N GLY C 72 1.20 22.62 -20.26
CA GLY C 72 1.54 23.75 -19.42
C GLY C 72 2.92 24.29 -19.72
N SER C 73 3.17 25.43 -19.12
CA SER C 73 4.43 26.12 -19.28
C SER C 73 4.53 27.13 -18.15
N GLY C 74 5.71 27.72 -18.02
CA GLY C 74 5.89 28.71 -16.99
C GLY C 74 5.84 28.05 -15.64
N THR C 75 4.84 28.41 -14.83
CA THR C 75 4.71 27.78 -13.53
C THR C 75 3.46 26.94 -13.41
N ASP C 76 2.65 26.81 -14.47
CA ASP C 76 1.34 26.18 -14.40
C ASP C 76 1.25 24.97 -15.34
N PHE C 77 1.07 23.80 -14.78
CA PHE C 77 1.07 22.55 -15.51
C PHE C 77 -0.21 21.81 -15.21
N THR C 78 -0.56 20.91 -16.14
CA THR C 78 -1.81 20.18 -16.05
C THR C 78 -1.56 18.77 -16.54
N LEU C 79 -2.14 17.80 -15.85
CA LEU C 79 -2.26 16.44 -16.32
C LEU C 79 -3.72 16.25 -16.65
N THR C 80 -4.02 15.78 -17.85
CA THR C 80 -5.38 15.46 -18.25
C THR C 80 -5.48 13.96 -18.53
N ILE C 81 -6.53 13.32 -18.02
CA ILE C 81 -6.85 11.97 -18.39
C ILE C 81 -8.15 12.02 -19.18
N SER C 82 -8.07 11.68 -20.47
CA SER C 82 -9.17 12.05 -21.36
C SER C 82 -10.41 11.24 -21.07
N SER C 83 -10.24 9.96 -20.72
CA SER C 83 -11.39 9.09 -20.47
CA SER C 83 -11.39 9.09 -20.47
C SER C 83 -10.97 8.11 -19.38
N VAL C 84 -11.39 8.37 -18.15
CA VAL C 84 -10.80 7.64 -17.03
C VAL C 84 -11.26 6.17 -17.06
N GLN C 85 -10.31 5.26 -16.79
CA GLN C 85 -10.64 3.84 -16.65
CA GLN C 85 -10.55 3.83 -16.66
C GLN C 85 -10.53 3.44 -15.19
N ALA C 86 -11.27 2.37 -14.85
CA ALA C 86 -11.27 1.92 -13.46
C ALA C 86 -9.88 1.68 -12.92
N GLU C 87 -8.95 1.26 -13.79
CA GLU C 87 -7.59 0.95 -13.31
C GLU C 87 -6.76 2.21 -13.15
N ASP C 88 -7.32 3.38 -13.42
CA ASP C 88 -6.53 4.57 -13.29
C ASP C 88 -6.52 5.10 -11.87
N LEU C 89 -7.23 4.47 -10.93
CA LEU C 89 -7.19 5.02 -9.60
C LEU C 89 -5.74 4.93 -9.07
N ALA C 90 -5.29 6.01 -8.47
CA ALA C 90 -3.87 6.18 -8.16
C ALA C 90 -3.74 7.55 -7.51
N VAL C 91 -2.59 7.78 -6.91
CA VAL C 91 -2.17 9.13 -6.59
C VAL C 91 -1.22 9.61 -7.72
N TYR C 92 -1.49 10.80 -8.27
CA TYR C 92 -0.70 11.34 -9.38
C TYR C 92 0.17 12.44 -8.79
N PHE C 93 1.48 12.36 -9.01
CA PHE C 93 2.43 13.33 -8.49
C PHE C 93 3.08 14.09 -9.60
N CYS C 94 3.31 15.38 -9.37
CA CYS C 94 4.25 16.07 -10.25
C CYS C 94 5.63 16.21 -9.58
N HIS C 95 6.61 16.60 -10.39
CA HIS C 95 8.00 16.51 -9.99
C HIS C 95 8.75 17.53 -10.79
N GLN C 96 9.48 18.42 -10.14
CA GLN C 96 10.39 19.22 -10.93
C GLN C 96 11.81 18.74 -10.68
N TYR C 97 12.64 18.75 -11.74
CA TYR C 97 14.03 18.34 -11.63
C TYR C 97 14.97 19.37 -12.25
N LEU C 98 14.49 20.60 -12.42
CA LEU C 98 15.41 21.67 -12.78
C LEU C 98 16.44 21.89 -11.67
N SER C 99 15.97 22.05 -10.43
CA SER C 99 16.84 22.26 -9.29
CA SER C 99 16.90 22.22 -9.33
C SER C 99 16.68 21.08 -8.36
N SER C 100 17.14 21.21 -7.12
CA SER C 100 17.09 20.10 -6.17
C SER C 100 15.69 19.51 -6.22
N TYR C 101 15.61 18.20 -6.49
CA TYR C 101 14.33 17.64 -6.95
C TYR C 101 13.26 17.83 -5.90
N THR C 102 12.06 18.23 -6.33
CA THR C 102 10.93 18.35 -5.40
C THR C 102 9.69 17.80 -6.07
N PHE C 103 8.75 17.33 -5.25
CA PHE C 103 7.50 16.78 -5.73
C PHE C 103 6.31 17.53 -5.16
N GLY C 104 5.20 17.53 -5.91
CA GLY C 104 3.95 17.99 -5.35
C GLY C 104 3.40 16.98 -4.36
N GLY C 105 2.34 17.37 -3.65
CA GLY C 105 1.75 16.50 -2.63
C GLY C 105 0.77 15.48 -3.15
N GLY C 106 0.53 15.42 -4.44
CA GLY C 106 -0.29 14.37 -4.98
C GLY C 106 -1.75 14.78 -5.16
N THR C 107 -2.37 14.27 -6.21
CA THR C 107 -3.81 14.28 -6.37
C THR C 107 -4.28 12.84 -6.38
N LYS C 108 -5.19 12.50 -5.46
CA LYS C 108 -5.72 11.12 -5.43
C LYS C 108 -6.99 11.00 -6.28
N LEU C 109 -6.93 10.18 -7.32
CA LEU C 109 -8.06 9.96 -8.23
C LEU C 109 -8.78 8.72 -7.77
N GLU C 110 -10.04 8.91 -7.40
CA GLU C 110 -10.94 7.84 -6.97
C GLU C 110 -11.97 7.59 -8.04
N ILE C 111 -12.57 6.40 -8.04
CA ILE C 111 -13.53 6.05 -9.05
C ILE C 111 -14.95 5.99 -8.44
N LYS C 112 -15.95 6.53 -9.13
CA LYS C 112 -17.33 6.38 -8.75
C LYS C 112 -17.94 5.23 -9.54
N ARG C 113 -18.85 4.49 -8.93
CA ARG C 113 -19.56 3.41 -9.61
C ARG C 113 -20.92 3.23 -8.94
N THR C 114 -21.68 2.26 -9.40
CA THR C 114 -23.04 2.02 -8.85
C THR C 114 -22.95 1.46 -7.44
N VAL C 115 -24.03 1.65 -6.68
CA VAL C 115 -24.12 1.03 -5.36
C VAL C 115 -23.95 -0.47 -5.45
N ALA C 116 -23.17 -1.02 -4.53
CA ALA C 116 -23.03 -2.47 -4.40
C ALA C 116 -23.06 -2.83 -2.91
N ALA C 117 -24.04 -3.64 -2.51
CA ALA C 117 -24.10 -4.06 -1.13
C ALA C 117 -22.98 -5.05 -0.83
N PRO C 118 -22.52 -5.09 0.41
CA PRO C 118 -21.47 -6.05 0.79
C PRO C 118 -21.99 -7.46 0.88
N SER C 119 -21.06 -8.39 0.58
CA SER C 119 -21.28 -9.78 0.94
C SER C 119 -20.64 -10.00 2.30
N VAL C 120 -21.44 -10.48 3.29
CA VAL C 120 -20.95 -10.51 4.67
C VAL C 120 -20.63 -11.94 5.07
N PHE C 121 -19.49 -12.12 5.76
CA PHE C 121 -19.05 -13.41 6.25
C PHE C 121 -18.59 -13.23 7.69
N ILE C 122 -18.79 -14.24 8.52
CA ILE C 122 -18.26 -14.20 9.87
C ILE C 122 -17.45 -15.47 10.13
N PHE C 123 -16.37 -15.28 10.89
CA PHE C 123 -15.43 -16.36 11.24
C PHE C 123 -15.26 -16.48 12.73
N PRO C 124 -15.57 -17.60 13.33
CA PRO C 124 -15.27 -17.83 14.74
C PRO C 124 -13.76 -17.83 14.95
N PRO C 125 -13.30 -17.71 16.18
CA PRO C 125 -11.88 -17.92 16.47
C PRO C 125 -11.46 -19.32 16.10
N SER C 126 -10.22 -19.42 15.66
CA SER C 126 -9.62 -20.76 15.46
C SER C 126 -9.44 -21.50 16.77
N ASP C 127 -9.45 -22.84 16.70
CA ASP C 127 -9.12 -23.60 17.90
C ASP C 127 -7.71 -23.32 18.38
N GLU C 128 -6.78 -23.07 17.44
CA GLU C 128 -5.40 -22.82 17.83
C GLU C 128 -5.31 -21.56 18.69
N GLN C 129 -6.00 -20.50 18.25
CA GLN C 129 -5.98 -19.27 19.03
C GLN C 129 -6.62 -19.46 20.38
N LEU C 130 -7.77 -20.15 20.41
CA LEU C 130 -8.43 -20.40 21.70
C LEU C 130 -7.51 -21.09 22.70
N LYS C 131 -6.70 -22.04 22.24
CA LYS C 131 -5.82 -22.77 23.16
C LYS C 131 -4.86 -21.81 23.84
N SER C 132 -4.69 -20.60 23.30
CA SER C 132 -3.75 -19.64 23.86
C SER C 132 -4.39 -18.59 24.74
N GLY C 133 -5.70 -18.58 24.90
CA GLY C 133 -6.32 -17.68 25.85
C GLY C 133 -7.10 -16.51 25.29
N THR C 134 -7.11 -16.34 23.96
CA THR C 134 -7.76 -15.19 23.34
C THR C 134 -8.68 -15.65 22.23
N ALA C 135 -9.72 -14.88 22.00
CA ALA C 135 -10.70 -15.20 20.95
C ALA C 135 -10.88 -13.98 20.10
N SER C 136 -10.47 -14.09 18.84
CA SER C 136 -10.71 -13.07 17.84
C SER C 136 -11.78 -13.56 16.89
N VAL C 137 -12.84 -12.78 16.74
CA VAL C 137 -13.96 -13.10 15.86
C VAL C 137 -13.88 -12.08 14.73
N VAL C 138 -13.95 -12.53 13.47
CA VAL C 138 -13.74 -11.63 12.35
C VAL C 138 -15.00 -11.55 11.51
N CYS C 139 -15.37 -10.33 11.15
CA CYS C 139 -16.49 -10.05 10.25
CA CYS C 139 -16.47 -10.10 10.24
C CYS C 139 -15.90 -9.45 8.99
N LEU C 140 -16.27 -9.98 7.83
CA LEU C 140 -15.76 -9.50 6.53
C LEU C 140 -16.94 -8.95 5.75
N LEU C 141 -16.74 -7.74 5.22
CA LEU C 141 -17.69 -7.11 4.32
C LEU C 141 -16.99 -7.06 2.96
N ASN C 142 -17.41 -7.86 1.99
CA ASN C 142 -16.69 -7.93 0.74
CA ASN C 142 -16.69 -7.99 0.72
C ASN C 142 -17.34 -7.17 -0.39
N ASN C 143 -16.50 -6.38 -1.09
CA ASN C 143 -16.78 -5.81 -2.43
CA ASN C 143 -16.79 -5.83 -2.42
C ASN C 143 -18.05 -4.97 -2.47
N PHE C 144 -18.02 -3.85 -1.73
CA PHE C 144 -19.17 -2.98 -1.62
C PHE C 144 -18.78 -1.58 -2.10
N TYR C 145 -19.82 -0.76 -2.35
CA TYR C 145 -19.62 0.62 -2.77
C TYR C 145 -20.91 1.38 -2.44
N PRO C 146 -20.85 2.60 -1.89
CA PRO C 146 -19.65 3.38 -1.54
C PRO C 146 -18.96 2.87 -0.32
N ARG C 147 -17.90 3.59 0.09
CA ARG C 147 -17.01 3.05 1.11
CA ARG C 147 -16.98 3.12 1.12
C ARG C 147 -17.59 3.11 2.51
N GLU C 148 -18.59 3.94 2.73
CA GLU C 148 -19.14 4.07 4.08
C GLU C 148 -19.92 2.83 4.46
N ALA C 149 -19.63 2.28 5.62
CA ALA C 149 -20.28 1.04 6.09
C ALA C 149 -20.20 1.08 7.58
N LYS C 150 -21.16 0.45 8.24
CA LYS C 150 -21.03 0.38 9.69
C LYS C 150 -21.19 -1.06 10.14
N VAL C 151 -20.34 -1.47 11.08
CA VAL C 151 -20.42 -2.81 11.68
C VAL C 151 -20.75 -2.62 13.13
N GLN C 152 -21.71 -3.37 13.62
CA GLN C 152 -21.94 -3.45 15.05
C GLN C 152 -21.83 -4.92 15.47
N TRP C 153 -21.05 -5.18 16.52
CA TRP C 153 -20.94 -6.53 17.05
C TRP C 153 -21.98 -6.73 18.15
N LYS C 154 -22.65 -7.90 18.14
CA LYS C 154 -23.61 -8.25 19.21
C LYS C 154 -23.29 -9.64 19.71
N VAL C 155 -23.34 -9.80 21.03
CA VAL C 155 -23.03 -11.06 21.69
C VAL C 155 -24.29 -11.38 22.49
N ASP C 156 -25.01 -12.42 22.06
CA ASP C 156 -26.35 -12.71 22.59
C ASP C 156 -27.20 -11.43 22.69
N ASN C 157 -27.17 -10.69 21.57
CA ASN C 157 -27.95 -9.47 21.34
CA ASN C 157 -27.90 -9.45 21.29
C ASN C 157 -27.49 -8.27 22.16
N ALA C 158 -26.36 -8.36 22.87
CA ALA C 158 -25.84 -7.21 23.62
C ALA C 158 -24.87 -6.47 22.73
N LEU C 159 -25.11 -5.18 22.50
CA LEU C 159 -24.19 -4.43 21.66
C LEU C 159 -22.82 -4.26 22.33
N GLN C 160 -21.76 -4.53 21.55
CA GLN C 160 -20.40 -4.44 22.02
C GLN C 160 -19.85 -3.05 21.78
N SER C 161 -19.03 -2.61 22.72
CA SER C 161 -18.28 -1.37 22.51
CA SER C 161 -18.26 -1.40 22.46
C SER C 161 -16.87 -1.55 23.05
N GLY C 162 -15.87 -1.00 22.34
CA GLY C 162 -14.58 -0.90 22.96
C GLY C 162 -13.68 -2.06 22.77
N ASN C 163 -14.13 -3.10 22.06
CA ASN C 163 -13.38 -4.33 21.94
C ASN C 163 -13.28 -4.75 20.47
N SER C 164 -13.43 -3.82 19.54
CA SER C 164 -13.19 -4.19 18.14
C SER C 164 -12.31 -3.18 17.44
N GLN C 165 -11.80 -3.61 16.27
CA GLN C 165 -11.04 -2.73 15.38
C GLN C 165 -11.39 -3.11 13.97
N GLU C 166 -11.36 -2.14 13.07
CA GLU C 166 -11.64 -2.46 11.68
C GLU C 166 -10.69 -1.68 10.75
N SER C 167 -10.61 -2.12 9.50
CA SER C 167 -9.94 -1.34 8.46
C SER C 167 -10.60 -1.65 7.12
N VAL C 168 -10.51 -0.71 6.25
CA VAL C 168 -11.09 -0.81 4.91
CA VAL C 168 -11.07 -0.76 4.90
C VAL C 168 -9.93 -0.86 3.91
N THR C 169 -10.15 -1.62 2.83
CA THR C 169 -9.14 -1.67 1.77
CA THR C 169 -9.13 -1.68 1.80
C THR C 169 -9.09 -0.38 1.00
N GLU C 170 -8.00 -0.23 0.25
CA GLU C 170 -8.01 0.66 -0.90
C GLU C 170 -9.12 0.22 -1.90
N GLN C 171 -9.44 1.09 -2.84
CA GLN C 171 -10.46 0.74 -3.83
C GLN C 171 -9.90 -0.26 -4.83
N ASP C 172 -10.75 -1.18 -5.28
CA ASP C 172 -10.29 -2.19 -6.22
C ASP C 172 -10.09 -1.59 -7.60
N SER C 173 -8.97 -1.96 -8.24
CA SER C 173 -8.67 -1.41 -9.57
CA SER C 173 -8.68 -1.40 -9.57
C SER C 173 -9.51 -1.98 -10.70
N LYS C 174 -10.23 -3.07 -10.48
CA LYS C 174 -11.06 -3.65 -11.52
C LYS C 174 -12.54 -3.36 -11.34
N ASP C 175 -13.07 -3.54 -10.14
CA ASP C 175 -14.51 -3.34 -9.95
C ASP C 175 -14.85 -2.16 -9.06
N SER C 176 -13.84 -1.39 -8.63
CA SER C 176 -14.06 -0.09 -7.99
C SER C 176 -14.77 -0.24 -6.64
N THR C 177 -14.75 -1.44 -6.05
CA THR C 177 -15.31 -1.62 -4.71
C THR C 177 -14.28 -1.54 -3.60
N TYR C 178 -14.80 -1.64 -2.37
CA TYR C 178 -14.03 -1.67 -1.13
C TYR C 178 -14.42 -2.93 -0.38
N SER C 179 -13.52 -3.37 0.48
CA SER C 179 -13.86 -4.41 1.44
C SER C 179 -13.41 -3.95 2.83
N LEU C 180 -14.03 -4.55 3.86
CA LEU C 180 -13.74 -4.14 5.23
C LEU C 180 -13.66 -5.37 6.11
N SER C 181 -12.74 -5.33 7.09
CA SER C 181 -12.59 -6.43 8.04
C SER C 181 -12.72 -5.81 9.41
N SER C 182 -13.52 -6.42 10.29
CA SER C 182 -13.62 -5.99 11.65
C SER C 182 -13.29 -7.19 12.51
N THR C 183 -12.51 -6.97 13.58
CA THR C 183 -12.15 -8.02 14.54
C THR C 183 -12.65 -7.65 15.92
N LEU C 184 -13.42 -8.55 16.54
CA LEU C 184 -13.87 -8.42 17.92
C LEU C 184 -12.95 -9.30 18.73
N THR C 185 -12.27 -8.75 19.75
CA THR C 185 -11.30 -9.54 20.52
C THR C 185 -11.80 -9.65 21.94
N LEU C 186 -11.99 -10.89 22.40
CA LEU C 186 -12.39 -11.21 23.77
C LEU C 186 -11.34 -12.13 24.41
N SER C 187 -11.25 -12.13 25.75
CA SER C 187 -10.57 -13.27 26.35
C SER C 187 -11.30 -14.58 26.07
N LYS C 188 -10.57 -15.70 26.11
CA LYS C 188 -11.25 -16.98 25.97
C LYS C 188 -12.31 -17.15 27.04
N ALA C 189 -11.99 -16.75 28.28
CA ALA C 189 -12.97 -16.90 29.36
C ALA C 189 -14.26 -16.18 29.04
N ASP C 190 -14.18 -14.93 28.55
CA ASP C 190 -15.40 -14.21 28.23
C ASP C 190 -16.06 -14.84 27.03
N TYR C 191 -15.26 -15.23 26.03
CA TYR C 191 -15.87 -15.81 24.82
C TYR C 191 -16.75 -17.02 25.17
N GLU C 192 -16.27 -17.86 26.06
CA GLU C 192 -17.02 -19.07 26.37
C GLU C 192 -18.23 -18.82 27.24
N LYS C 193 -18.49 -17.58 27.65
CA LYS C 193 -19.68 -17.30 28.45
C LYS C 193 -20.94 -17.06 27.62
N HIS C 194 -20.85 -16.99 26.29
CA HIS C 194 -21.97 -16.58 25.46
C HIS C 194 -22.17 -17.51 24.28
N LYS C 195 -23.37 -17.44 23.67
CA LYS C 195 -23.72 -18.36 22.59
CA LYS C 195 -23.74 -18.35 22.60
C LYS C 195 -23.63 -17.70 21.22
N VAL C 196 -24.40 -16.62 21.00
CA VAL C 196 -24.60 -16.11 19.63
C VAL C 196 -23.66 -14.94 19.43
N TYR C 197 -22.77 -15.08 18.45
CA TYR C 197 -21.82 -14.03 18.04
C TYR C 197 -22.26 -13.48 16.69
N ALA C 198 -22.55 -12.18 16.66
CA ALA C 198 -23.20 -11.62 15.48
C ALA C 198 -22.54 -10.35 15.05
N CYS C 199 -22.45 -10.17 13.75
CA CYS C 199 -22.07 -8.86 13.26
CA CYS C 199 -22.00 -8.94 13.12
C CYS C 199 -23.18 -8.35 12.37
N GLU C 200 -23.57 -7.14 12.67
CA GLU C 200 -24.71 -6.47 12.07
C GLU C 200 -24.16 -5.35 11.18
N VAL C 201 -24.48 -5.37 9.87
CA VAL C 201 -23.87 -4.53 8.85
C VAL C 201 -24.90 -3.58 8.28
N THR C 202 -24.58 -2.29 8.25
CA THR C 202 -25.39 -1.23 7.66
CA THR C 202 -25.41 -1.31 7.60
C THR C 202 -24.62 -0.70 6.45
N HIS C 203 -25.30 -0.54 5.32
CA HIS C 203 -24.66 -0.01 4.12
C HIS C 203 -25.75 0.53 3.23
N GLN C 204 -25.38 1.48 2.35
CA GLN C 204 -26.32 2.09 1.43
C GLN C 204 -27.04 1.06 0.56
N GLY C 205 -26.35 -0.05 0.23
CA GLY C 205 -27.09 -0.94 -0.66
C GLY C 205 -28.01 -1.92 0.09
N LEU C 206 -28.15 -1.78 1.43
CA LEU C 206 -29.03 -2.64 2.24
C LEU C 206 -30.15 -1.77 2.80
N SER C 207 -31.37 -2.22 2.69
CA SER C 207 -32.48 -1.40 3.18
CA SER C 207 -32.53 -1.46 3.18
C SER C 207 -32.68 -1.56 4.68
N SER C 208 -32.17 -2.63 5.28
CA SER C 208 -32.15 -2.95 6.70
C SER C 208 -30.81 -3.58 6.98
N PRO C 209 -30.36 -3.53 8.22
CA PRO C 209 -29.05 -4.13 8.51
C PRO C 209 -29.12 -5.63 8.26
N VAL C 210 -28.01 -6.16 7.83
CA VAL C 210 -27.80 -7.58 7.59
C VAL C 210 -27.03 -8.14 8.77
N THR C 211 -27.50 -9.24 9.32
CA THR C 211 -26.78 -9.89 10.41
C THR C 211 -26.23 -11.24 9.93
N LYS C 212 -24.96 -11.50 10.23
CA LYS C 212 -24.36 -12.81 10.07
C LYS C 212 -23.92 -13.24 11.45
N SER C 213 -24.24 -14.46 11.80
CA SER C 213 -23.92 -14.88 13.14
C SER C 213 -23.55 -16.36 13.14
N PHE C 214 -22.95 -16.80 14.24
CA PHE C 214 -22.77 -18.21 14.51
C PHE C 214 -23.05 -18.45 15.98
N ASN C 215 -23.38 -19.70 16.31
CA ASN C 215 -23.51 -20.13 17.68
C ASN C 215 -22.21 -20.80 18.13
N ARG C 216 -21.59 -20.29 19.21
CA ARG C 216 -20.28 -20.79 19.61
C ARG C 216 -20.31 -22.29 19.85
N GLY C 217 -19.31 -23.00 19.32
CA GLY C 217 -19.20 -24.40 19.62
C GLY C 217 -20.16 -25.26 18.83
N GLU C 218 -20.43 -24.87 17.58
CA GLU C 218 -21.41 -25.57 16.78
C GLU C 218 -21.23 -25.21 15.31
#